data_5FP0
#
_entry.id   5FP0
#
_cell.length_a   92.510
_cell.length_b   92.510
_cell.length_c   244.830
_cell.angle_alpha   90.00
_cell.angle_beta   90.00
_cell.angle_gamma   120.00
#
_symmetry.space_group_name_H-M   'P 65 2 2'
#
loop_
_entity.id
_entity.type
_entity.pdbx_description
1 polymer 'BIFUNCTIONAL EPOXIDE HYDROLASE 2'
2 non-polymer 'DIMETHYL SULFOXIDE'
3 non-polymer N-cyclopentyl-2-[4-(trifluoromethyl)phenyl]-3H-benzimidazole-4-sulfonamide
4 water water
#
_entity_poly.entity_id   1
_entity_poly.type   'polypeptide(L)'
_entity_poly.pdbx_seq_one_letter_code
;GMTLRAAVFDLDGVLALPAVFGVLGRTEEALALPRGLLNDAFQKGGPEGATTRLMKGEITLSQWIPLMEENCRKCSETAK
VCLPKNFSIKEIFDKAISARKINRPMLQAALMLRKKGFTTAILTNTWLDDRAERDGLAQLMCELKMHFDFLIESCQVGMV
KPEPQIYKFLLDTLKASPSEVVFLDDIGANLKPARDLGMVTILVQDTDTALKELEKVTGIQLLNTPAPLPTSCNPSDMSH
GYVTVKPRVRLHFVELGSGPAVCLCHGFPESWYSWRYQIPALAQAGYRVLAMDMKGYGESSAPPEIEEYCMEVLCKEMVT
FLDKLGLSQAVFIGHDWGGMLVWYMALFYPERVRAVASLNTPFIPANPNMSPLESIKANPVFDYQLYFQEPGVAEAELEQ
NLSRTFKSLFRASDESVLSMHKVCEAGGLFVNSPEEPSLSRMVTEEEIQFYVQQFKKSGFRGPLNWYRNMERNWKWACKS
LGRKILIPALMVTAEKDFVLVPQMSQHMEDWIPHLKRGHIEDCGHWTQMDKPTEVNQILIKWLDSDARN
;
_entity_poly.pdbx_strand_id   A
#
# COMPACT_ATOMS: atom_id res chain seq x y z
N THR A 3 33.74 4.34 -1.12
CA THR A 3 32.61 3.44 -0.88
C THR A 3 31.29 4.19 -1.07
N LEU A 4 30.48 3.73 -2.04
CA LEU A 4 29.21 4.36 -2.39
C LEU A 4 28.20 4.21 -1.28
N ARG A 5 27.44 5.27 -1.02
CA ARG A 5 26.38 5.30 -0.02
C ARG A 5 25.13 6.09 -0.47
N ALA A 6 25.20 6.71 -1.67
CA ALA A 6 24.04 7.43 -2.23
C ALA A 6 23.83 7.12 -3.68
N ALA A 7 22.55 6.98 -4.11
CA ALA A 7 22.20 6.75 -5.51
C ALA A 7 21.22 7.82 -5.98
N VAL A 8 21.58 8.53 -7.06
CA VAL A 8 20.79 9.63 -7.60
C VAL A 8 20.21 9.23 -8.94
N PHE A 9 18.88 9.42 -9.09
CA PHE A 9 18.19 9.06 -10.32
C PHE A 9 17.46 10.23 -10.92
N ASP A 10 17.46 10.25 -12.26
CA ASP A 10 16.72 11.22 -13.05
C ASP A 10 15.27 10.67 -13.18
N LEU A 11 14.32 11.54 -13.53
CA LEU A 11 12.95 11.11 -13.72
C LEU A 11 12.79 10.63 -15.18
N ASP A 12 12.85 11.55 -16.14
CA ASP A 12 12.62 11.25 -17.55
C ASP A 12 13.70 10.44 -18.17
N GLY A 13 13.30 9.27 -18.68
CA GLY A 13 14.19 8.33 -19.33
C GLY A 13 14.96 7.44 -18.37
N VAL A 14 14.69 7.58 -17.06
CA VAL A 14 15.38 6.80 -16.02
C VAL A 14 14.32 6.17 -15.11
N LEU A 15 13.68 6.96 -14.23
CA LEU A 15 12.61 6.45 -13.35
C LEU A 15 11.25 6.40 -14.05
N ALA A 16 11.08 7.17 -15.14
CA ALA A 16 9.82 7.18 -15.89
C ALA A 16 10.04 6.98 -17.41
N LEU A 17 9.28 6.05 -18.00
CA LEU A 17 9.32 5.70 -19.43
C LEU A 17 7.93 5.72 -20.07
N PRO A 18 7.81 6.15 -21.36
CA PRO A 18 8.87 6.68 -22.24
C PRO A 18 9.26 8.12 -21.90
N ALA A 19 10.43 8.57 -22.35
CA ALA A 19 10.87 9.94 -22.09
C ALA A 19 10.20 10.90 -23.06
N VAL A 20 9.70 12.05 -22.56
CA VAL A 20 9.05 13.08 -23.38
C VAL A 20 9.90 13.54 -24.58
N PHE A 21 11.23 13.59 -24.39
CA PHE A 21 12.23 13.93 -25.41
C PHE A 21 12.20 12.93 -26.58
N GLY A 22 11.96 11.66 -26.24
CA GLY A 22 11.85 10.57 -27.20
C GLY A 22 10.54 10.66 -27.98
N VAL A 23 9.51 11.23 -27.33
CA VAL A 23 8.21 11.43 -27.97
C VAL A 23 8.24 12.58 -28.97
N LEU A 24 9.07 13.62 -28.71
CA LEU A 24 9.26 14.73 -29.63
C LEU A 24 9.82 14.18 -30.98
N GLY A 25 10.81 13.28 -30.89
CA GLY A 25 11.39 12.58 -32.02
C GLY A 25 10.36 11.67 -32.70
N ARG A 26 9.47 11.03 -31.89
CA ARG A 26 8.37 10.16 -32.35
C ARG A 26 7.33 10.97 -33.11
N THR A 27 6.97 12.17 -32.59
CA THR A 27 6.03 13.06 -33.26
C THR A 27 6.58 13.61 -34.54
N GLU A 28 7.90 13.95 -34.56
CA GLU A 28 8.51 14.47 -35.77
C GLU A 28 8.56 13.40 -36.87
N GLU A 29 8.88 12.12 -36.54
CA GLU A 29 8.77 11.11 -37.59
C GLU A 29 7.34 10.79 -38.04
N ALA A 30 6.33 10.91 -37.15
CA ALA A 30 4.93 10.69 -37.51
C ALA A 30 4.41 11.81 -38.37
N LEU A 31 4.81 13.05 -38.07
CA LEU A 31 4.37 14.23 -38.83
C LEU A 31 5.23 14.48 -40.06
N ALA A 32 6.19 13.57 -40.36
CA ALA A 32 7.14 13.62 -41.46
C ALA A 32 8.01 14.92 -41.40
N LEU A 33 8.17 15.46 -40.17
CA LEU A 33 8.97 16.67 -39.89
C LEU A 33 10.48 16.38 -40.00
N PRO A 34 11.32 17.40 -40.36
CA PRO A 34 12.77 17.16 -40.39
C PRO A 34 13.26 16.66 -39.04
N ARG A 35 14.22 15.74 -39.07
CA ARG A 35 14.76 15.15 -37.85
C ARG A 35 15.31 16.23 -36.94
N GLY A 36 14.97 16.13 -35.66
CA GLY A 36 15.40 17.06 -34.62
C GLY A 36 14.68 18.38 -34.51
N LEU A 37 13.79 18.73 -35.48
CA LEU A 37 13.09 20.01 -35.50
C LEU A 37 12.42 20.42 -34.20
N LEU A 38 11.63 19.50 -33.61
CA LEU A 38 10.93 19.76 -32.36
C LEU A 38 11.84 19.81 -31.14
N ASN A 39 12.87 18.90 -31.08
CA ASN A 39 13.84 18.84 -29.98
C ASN A 39 14.70 20.10 -29.99
N ASP A 40 14.98 20.61 -31.19
CA ASP A 40 15.74 21.82 -31.41
C ASP A 40 14.90 23.07 -31.01
N ALA A 41 13.60 23.08 -31.35
CA ALA A 41 12.68 24.13 -30.94
C ALA A 41 12.55 24.14 -29.40
N PHE A 42 12.51 22.96 -28.78
CA PHE A 42 12.44 22.75 -27.33
C PHE A 42 13.63 23.37 -26.60
N GLN A 43 14.81 23.30 -27.20
CA GLN A 43 16.04 23.76 -26.59
C GLN A 43 16.50 25.11 -27.11
N LYS A 44 15.70 25.78 -27.97
CA LYS A 44 16.04 27.08 -28.56
C LYS A 44 16.40 28.14 -27.53
N GLY A 45 17.56 28.78 -27.75
CA GLY A 45 18.14 29.81 -26.90
C GLY A 45 18.89 29.29 -25.69
N GLY A 46 18.99 27.95 -25.57
CA GLY A 46 19.65 27.24 -24.48
C GLY A 46 19.44 27.87 -23.10
N PRO A 47 20.54 28.30 -22.44
CA PRO A 47 20.43 28.91 -21.10
C PRO A 47 19.56 30.16 -21.01
N GLU A 48 19.40 30.86 -22.13
CA GLU A 48 18.65 32.13 -22.24
C GLU A 48 17.24 31.91 -22.81
N GLY A 49 16.96 30.69 -23.25
CA GLY A 49 15.70 30.30 -23.86
C GLY A 49 14.51 30.08 -22.95
N ALA A 50 13.35 29.84 -23.59
CA ALA A 50 12.05 29.63 -22.95
C ALA A 50 11.99 28.36 -22.08
N THR A 51 12.60 27.26 -22.53
CA THR A 51 12.62 26.01 -21.77
C THR A 51 13.45 26.14 -20.49
N THR A 52 14.58 26.90 -20.51
CA THR A 52 15.36 27.13 -19.29
C THR A 52 14.51 27.87 -18.25
N ARG A 53 13.77 28.91 -18.69
CA ARG A 53 12.88 29.67 -17.80
C ARG A 53 11.84 28.78 -17.15
N LEU A 54 11.23 27.87 -17.93
CA LEU A 54 10.23 26.91 -17.46
C LEU A 54 10.84 25.94 -16.43
N MET A 55 12.04 25.38 -16.75
CA MET A 55 12.74 24.47 -15.83
C MET A 55 13.24 25.17 -14.55
N LYS A 56 13.50 26.49 -14.60
CA LYS A 56 13.93 27.25 -13.42
C LYS A 56 12.74 27.72 -12.57
N GLY A 57 11.51 27.45 -13.03
CA GLY A 57 10.28 27.82 -12.35
C GLY A 57 9.91 29.29 -12.51
N GLU A 58 10.51 29.97 -13.51
CA GLU A 58 10.27 31.37 -13.79
C GLU A 58 8.84 31.57 -14.35
N ILE A 59 8.37 30.56 -15.11
CA ILE A 59 7.07 30.50 -15.77
C ILE A 59 6.48 29.08 -15.63
N THR A 60 5.16 28.95 -15.81
CA THR A 60 4.45 27.67 -15.72
C THR A 60 4.35 27.00 -17.10
N LEU A 61 3.92 25.70 -17.16
CA LEU A 61 3.75 24.98 -18.44
C LEU A 61 2.86 25.73 -19.44
N SER A 62 1.70 26.22 -18.98
CA SER A 62 0.73 26.94 -19.80
C SER A 62 1.27 28.23 -20.39
N GLN A 63 2.09 28.97 -19.63
CA GLN A 63 2.72 30.19 -20.15
C GLN A 63 3.81 29.81 -21.19
N TRP A 64 4.38 28.59 -21.08
CA TRP A 64 5.42 28.08 -21.96
C TRP A 64 4.91 27.58 -23.32
N ILE A 65 3.70 26.95 -23.36
CA ILE A 65 3.11 26.45 -24.62
C ILE A 65 3.24 27.49 -25.78
N PRO A 66 2.76 28.76 -25.62
CA PRO A 66 2.91 29.75 -26.72
C PRO A 66 4.35 30.01 -27.17
N LEU A 67 5.31 29.98 -26.23
CA LEU A 67 6.74 30.20 -26.49
C LEU A 67 7.33 29.06 -27.30
N MET A 68 6.93 27.81 -26.98
CA MET A 68 7.33 26.61 -27.72
C MET A 68 6.74 26.64 -29.17
N GLU A 69 5.45 27.06 -29.31
CA GLU A 69 4.78 27.26 -30.59
C GLU A 69 5.61 28.16 -31.52
N GLU A 70 6.04 29.32 -31.01
CA GLU A 70 6.86 30.28 -31.72
C GLU A 70 8.23 29.69 -32.13
N ASN A 71 8.90 28.99 -31.19
CA ASN A 71 10.17 28.31 -31.48
C ASN A 71 10.02 27.28 -32.64
N CYS A 72 8.90 26.55 -32.65
CA CYS A 72 8.54 25.58 -33.70
C CYS A 72 8.32 26.23 -35.05
N ARG A 73 7.60 27.36 -35.07
CA ARG A 73 7.31 28.13 -36.27
C ARG A 73 8.62 28.68 -36.86
N LYS A 74 9.49 29.29 -36.02
CA LYS A 74 10.81 29.82 -36.38
C LYS A 74 11.71 28.72 -36.93
N CYS A 75 11.79 27.56 -36.23
CA CYS A 75 12.59 26.39 -36.66
C CYS A 75 12.13 25.86 -38.01
N SER A 76 10.79 25.79 -38.23
CA SER A 76 10.22 25.29 -39.48
C SER A 76 10.48 26.24 -40.67
N GLU A 77 10.61 27.55 -40.37
CA GLU A 77 10.88 28.59 -41.35
C GLU A 77 12.34 28.50 -41.86
N THR A 78 13.31 28.30 -40.96
CA THR A 78 14.72 28.17 -41.37
C THR A 78 15.01 26.84 -42.07
N ALA A 79 14.21 25.78 -41.80
CA ALA A 79 14.33 24.46 -42.42
C ALA A 79 13.56 24.46 -43.75
N LYS A 80 12.81 25.56 -44.00
CA LYS A 80 11.99 25.79 -45.19
C LYS A 80 10.94 24.66 -45.36
N VAL A 81 10.24 24.32 -44.25
CA VAL A 81 9.19 23.30 -44.19
C VAL A 81 7.93 23.94 -43.60
N CYS A 82 6.80 23.23 -43.69
CA CYS A 82 5.55 23.68 -43.11
C CYS A 82 5.12 22.75 -41.98
N LEU A 83 4.66 23.33 -40.86
CA LEU A 83 4.07 22.59 -39.76
C LEU A 83 2.67 22.18 -40.26
N PRO A 84 2.12 21.01 -39.87
CA PRO A 84 0.74 20.65 -40.32
C PRO A 84 -0.34 21.64 -39.89
N LYS A 85 -1.57 21.47 -40.40
CA LYS A 85 -2.73 22.34 -40.12
C LYS A 85 -3.19 22.28 -38.66
N ASN A 86 -3.21 21.08 -38.07
CA ASN A 86 -3.67 20.79 -36.69
C ASN A 86 -2.52 20.75 -35.67
N PHE A 87 -1.37 21.39 -36.01
CA PHE A 87 -0.19 21.44 -35.16
C PHE A 87 -0.48 22.14 -33.85
N SER A 88 -0.23 21.44 -32.76
CA SER A 88 -0.51 21.95 -31.42
C SER A 88 0.42 21.33 -30.39
N ILE A 89 1.25 22.18 -29.75
CA ILE A 89 2.19 21.78 -28.69
C ILE A 89 1.44 21.24 -27.48
N LYS A 90 0.26 21.82 -27.21
CA LYS A 90 -0.63 21.42 -26.11
C LYS A 90 -0.95 19.91 -26.20
N GLU A 91 -1.50 19.47 -27.36
CA GLU A 91 -1.86 18.08 -27.67
C GLU A 91 -0.62 17.16 -27.59
N ILE A 92 0.49 17.56 -28.24
CA ILE A 92 1.76 16.82 -28.25
C ILE A 92 2.25 16.58 -26.81
N PHE A 93 2.31 17.64 -26.00
CA PHE A 93 2.73 17.51 -24.60
C PHE A 93 1.74 16.79 -23.68
N ASP A 94 0.40 17.01 -23.85
CA ASP A 94 -0.64 16.32 -23.07
C ASP A 94 -0.51 14.80 -23.21
N LYS A 95 -0.38 14.33 -24.47
CA LYS A 95 -0.25 12.91 -24.83
C LYS A 95 1.07 12.34 -24.29
N ALA A 96 2.19 13.09 -24.48
CA ALA A 96 3.53 12.74 -23.99
C ALA A 96 3.55 12.52 -22.46
N ILE A 97 3.11 13.55 -21.67
CA ILE A 97 3.07 13.49 -20.20
C ILE A 97 2.28 12.27 -19.73
N SER A 98 1.10 12.04 -20.35
CA SER A 98 0.19 10.95 -20.03
C SER A 98 0.73 9.58 -20.38
N ALA A 99 1.51 9.48 -21.48
CA ALA A 99 2.12 8.22 -21.94
C ALA A 99 3.18 7.72 -20.95
N ARG A 100 3.88 8.67 -20.30
CA ARG A 100 4.93 8.45 -19.32
C ARG A 100 4.43 7.67 -18.07
N LYS A 101 5.00 6.48 -17.85
CA LYS A 101 4.71 5.57 -16.74
C LYS A 101 6.00 5.28 -15.98
N ILE A 102 5.91 4.76 -14.74
CA ILE A 102 7.07 4.41 -13.91
C ILE A 102 7.82 3.24 -14.51
N ASN A 103 9.16 3.33 -14.50
CA ASN A 103 10.06 2.27 -14.95
C ASN A 103 10.23 1.35 -13.74
N ARG A 104 9.30 0.40 -13.58
CA ARG A 104 9.25 -0.57 -12.47
C ARG A 104 10.59 -1.23 -12.10
N PRO A 105 11.39 -1.80 -13.03
CA PRO A 105 12.69 -2.39 -12.64
C PRO A 105 13.72 -1.39 -12.04
N MET A 106 13.68 -0.11 -12.49
CA MET A 106 14.54 0.99 -12.03
C MET A 106 14.11 1.40 -10.61
N LEU A 107 12.77 1.50 -10.35
CA LEU A 107 12.22 1.80 -9.02
C LEU A 107 12.58 0.68 -8.06
N GLN A 108 12.45 -0.59 -8.53
CA GLN A 108 12.81 -1.79 -7.77
C GLN A 108 14.28 -1.76 -7.30
N ALA A 109 15.19 -1.35 -8.17
CA ALA A 109 16.62 -1.31 -7.85
C ALA A 109 16.92 -0.18 -6.84
N ALA A 110 16.31 1.01 -7.05
CA ALA A 110 16.39 2.15 -6.12
C ALA A 110 15.91 1.70 -4.73
N LEU A 111 14.80 0.93 -4.68
CA LEU A 111 14.24 0.35 -3.43
C LEU A 111 15.20 -0.62 -2.78
N MET A 112 15.84 -1.47 -3.60
CA MET A 112 16.83 -2.41 -3.10
C MET A 112 18.05 -1.72 -2.48
N LEU A 113 18.59 -0.72 -3.18
CA LEU A 113 19.75 0.03 -2.71
C LEU A 113 19.44 0.73 -1.39
N ARG A 114 18.22 1.28 -1.24
CA ARG A 114 17.80 1.97 -0.03
C ARG A 114 17.61 1.02 1.16
N LYS A 115 17.16 -0.23 0.87
CA LYS A 115 16.94 -1.30 1.85
C LYS A 115 18.30 -1.72 2.42
N LYS A 116 19.36 -1.63 1.58
CA LYS A 116 20.74 -1.93 1.94
C LYS A 116 21.49 -0.71 2.53
N GLY A 117 20.73 0.30 2.95
CA GLY A 117 21.27 1.47 3.62
C GLY A 117 21.79 2.60 2.76
N PHE A 118 21.41 2.63 1.48
CA PHE A 118 21.82 3.71 0.60
C PHE A 118 20.87 4.86 0.76
N THR A 119 21.38 6.09 0.63
CA THR A 119 20.57 7.30 0.59
C THR A 119 20.17 7.40 -0.90
N THR A 120 18.88 7.58 -1.18
CA THR A 120 18.40 7.67 -2.56
C THR A 120 17.76 9.01 -2.81
N ALA A 121 17.85 9.48 -4.06
CA ALA A 121 17.31 10.79 -4.42
C ALA A 121 16.85 10.88 -5.86
N ILE A 122 15.87 11.75 -6.12
CA ILE A 122 15.44 12.01 -7.48
C ILE A 122 15.93 13.44 -7.75
N LEU A 123 16.68 13.63 -8.86
CA LEU A 123 17.11 14.94 -9.32
C LEU A 123 16.56 15.07 -10.72
N THR A 124 15.66 16.01 -10.91
CA THR A 124 14.97 16.14 -12.18
C THR A 124 14.84 17.59 -12.63
N ASN A 125 14.90 17.78 -13.96
CA ASN A 125 14.63 19.07 -14.57
C ASN A 125 13.14 18.96 -14.83
N THR A 126 12.36 19.74 -14.09
CA THR A 126 10.92 19.71 -14.20
C THR A 126 10.31 21.11 -14.19
N TRP A 127 9.01 21.21 -14.57
CA TRP A 127 8.25 22.44 -14.68
C TRP A 127 7.13 22.54 -13.63
N LEU A 128 6.46 23.70 -13.56
CA LEU A 128 5.29 23.94 -12.69
C LEU A 128 4.10 23.69 -13.58
N ASP A 129 3.45 22.54 -13.39
CA ASP A 129 2.35 22.11 -14.25
C ASP A 129 0.96 22.63 -13.84
N ASP A 130 0.42 23.58 -14.64
CA ASP A 130 -0.89 24.20 -14.40
C ASP A 130 -1.92 23.84 -15.49
N ARG A 131 -1.68 22.76 -16.26
CA ARG A 131 -2.65 22.29 -17.27
C ARG A 131 -3.82 21.67 -16.50
N ALA A 132 -4.99 21.58 -17.14
CA ALA A 132 -6.19 20.98 -16.59
C ALA A 132 -5.95 19.49 -16.28
N GLU A 133 -4.98 18.89 -16.98
CA GLU A 133 -4.59 17.49 -16.91
C GLU A 133 -3.44 17.22 -15.91
N ARG A 134 -2.97 18.27 -15.16
CA ARG A 134 -1.87 18.16 -14.17
C ARG A 134 -1.95 17.01 -13.16
N ASP A 135 -3.17 16.52 -12.84
CA ASP A 135 -3.33 15.44 -11.87
C ASP A 135 -2.59 14.15 -12.25
N GLY A 136 -2.44 13.87 -13.56
CA GLY A 136 -1.70 12.70 -14.07
C GLY A 136 -0.26 12.66 -13.60
N LEU A 137 0.46 13.78 -13.80
CA LEU A 137 1.84 13.95 -13.35
C LEU A 137 1.93 13.96 -11.81
N ALA A 138 0.99 14.68 -11.12
CA ALA A 138 0.93 14.74 -9.66
C ALA A 138 0.80 13.33 -9.07
N GLN A 139 -0.02 12.47 -9.72
CA GLN A 139 -0.20 11.06 -9.33
C GLN A 139 1.12 10.28 -9.52
N LEU A 140 1.81 10.50 -10.68
CA LEU A 140 3.09 9.85 -10.96
C LEU A 140 4.15 10.25 -9.90
N MET A 141 4.27 11.57 -9.63
CA MET A 141 5.23 12.11 -8.66
C MET A 141 5.03 11.59 -7.24
N CYS A 142 3.77 11.48 -6.80
CA CYS A 142 3.39 10.94 -5.49
C CYS A 142 3.81 9.51 -5.28
N GLU A 143 3.54 8.63 -6.27
CA GLU A 143 3.92 7.21 -6.19
C GLU A 143 5.43 7.04 -6.19
N LEU A 144 6.13 7.91 -6.90
CA LEU A 144 7.56 7.82 -7.00
C LEU A 144 8.29 8.38 -5.79
N LYS A 145 7.96 9.64 -5.39
CA LYS A 145 8.66 10.36 -4.32
C LYS A 145 8.77 9.67 -2.97
N MET A 146 7.72 8.92 -2.57
N MET A 146 7.72 8.95 -2.53
CA MET A 146 7.62 8.18 -1.31
CA MET A 146 7.74 8.28 -1.22
C MET A 146 8.74 7.15 -1.10
C MET A 146 8.76 7.13 -1.08
N HIS A 147 9.32 6.65 -2.21
CA HIS A 147 10.34 5.61 -2.18
C HIS A 147 11.77 6.13 -2.06
N PHE A 148 11.92 7.48 -2.05
CA PHE A 148 13.22 8.14 -2.03
C PHE A 148 13.43 9.07 -0.83
N ASP A 149 14.72 9.29 -0.45
CA ASP A 149 15.03 10.18 0.69
C ASP A 149 14.82 11.64 0.33
N PHE A 150 15.06 12.02 -0.95
CA PHE A 150 14.91 13.40 -1.41
C PHE A 150 14.38 13.47 -2.81
N LEU A 151 13.68 14.57 -3.12
CA LEU A 151 13.19 14.87 -4.45
C LEU A 151 13.64 16.29 -4.74
N ILE A 152 14.58 16.43 -5.68
CA ILE A 152 15.07 17.74 -6.08
C ILE A 152 14.57 18.04 -7.48
N GLU A 153 13.77 19.12 -7.59
CA GLU A 153 13.12 19.61 -8.80
C GLU A 153 13.68 20.96 -9.13
N SER A 154 14.12 21.12 -10.37
CA SER A 154 14.72 22.34 -10.88
C SER A 154 13.83 23.55 -10.67
N CYS A 155 12.51 23.38 -10.92
CA CYS A 155 11.53 24.47 -10.86
C CYS A 155 11.29 24.97 -9.45
N GLN A 156 11.61 24.10 -8.47
CA GLN A 156 11.51 24.37 -7.04
C GLN A 156 12.79 25.00 -6.48
N VAL A 157 13.98 24.65 -7.00
CA VAL A 157 15.28 25.19 -6.56
C VAL A 157 15.81 26.35 -7.41
N GLY A 158 15.17 26.64 -8.55
CA GLY A 158 15.56 27.73 -9.45
C GLY A 158 16.89 27.53 -10.14
N MET A 159 17.30 26.27 -10.27
CA MET A 159 18.56 25.87 -10.88
C MET A 159 18.28 24.71 -11.82
N VAL A 160 19.10 24.52 -12.87
CA VAL A 160 18.88 23.44 -13.84
C VAL A 160 20.14 22.67 -14.15
N LYS A 161 19.99 21.40 -14.51
CA LYS A 161 21.06 20.60 -15.04
C LYS A 161 21.23 21.11 -16.48
N PRO A 162 22.45 21.30 -17.03
CA PRO A 162 23.77 20.95 -16.49
C PRO A 162 24.57 22.05 -15.75
N GLU A 163 23.92 23.07 -15.17
CA GLU A 163 24.60 24.13 -14.39
C GLU A 163 25.26 23.50 -13.15
N PRO A 164 26.56 23.82 -12.88
CA PRO A 164 27.26 23.15 -11.75
C PRO A 164 26.67 23.27 -10.35
N GLN A 165 25.95 24.36 -10.08
CA GLN A 165 25.33 24.67 -8.79
C GLN A 165 24.34 23.62 -8.28
N ILE A 166 23.55 23.01 -9.18
CA ILE A 166 22.56 21.98 -8.83
C ILE A 166 23.21 20.70 -8.29
N TYR A 167 24.42 20.33 -8.82
CA TYR A 167 25.25 19.16 -8.43
C TYR A 167 25.87 19.41 -7.05
N LYS A 168 26.28 20.66 -6.79
CA LYS A 168 26.83 21.11 -5.51
C LYS A 168 25.70 21.14 -4.50
N PHE A 169 24.47 21.55 -4.95
CA PHE A 169 23.25 21.55 -4.15
C PHE A 169 22.86 20.12 -3.78
N LEU A 170 22.92 19.19 -4.76
CA LEU A 170 22.63 17.77 -4.57
C LEU A 170 23.58 17.17 -3.50
N LEU A 171 24.88 17.46 -3.60
CA LEU A 171 25.93 16.98 -2.69
C LEU A 171 25.68 17.41 -1.25
N ASP A 172 25.31 18.68 -1.06
CA ASP A 172 24.99 19.27 0.22
C ASP A 172 23.74 18.63 0.84
N THR A 173 22.69 18.41 0.01
CA THR A 173 21.43 17.77 0.38
C THR A 173 21.68 16.31 0.83
N LEU A 174 22.56 15.60 0.12
CA LEU A 174 22.89 14.19 0.39
C LEU A 174 23.84 14.01 1.57
N LYS A 175 24.58 15.10 1.95
CA LYS A 175 25.61 15.12 2.99
C LYS A 175 26.66 14.06 2.61
N ALA A 176 27.09 14.12 1.34
CA ALA A 176 28.03 13.15 0.77
C ALA A 176 29.10 13.80 -0.07
N SER A 177 30.27 13.14 -0.12
CA SER A 177 31.41 13.51 -0.94
C SER A 177 31.07 12.98 -2.34
N PRO A 178 31.60 13.56 -3.43
CA PRO A 178 31.29 13.03 -4.77
C PRO A 178 31.55 11.55 -5.01
N SER A 179 32.70 11.00 -4.54
CA SER A 179 33.08 9.58 -4.70
C SER A 179 32.13 8.58 -4.01
N GLU A 180 31.26 9.08 -3.13
CA GLU A 180 30.26 8.31 -2.40
C GLU A 180 28.92 8.22 -3.20
N VAL A 181 28.79 8.92 -4.36
CA VAL A 181 27.53 8.96 -5.12
C VAL A 181 27.54 8.33 -6.55
N VAL A 182 26.46 7.56 -6.86
CA VAL A 182 26.16 6.98 -8.17
C VAL A 182 25.08 7.90 -8.72
N PHE A 183 25.31 8.46 -9.90
CA PHE A 183 24.38 9.36 -10.55
C PHE A 183 23.95 8.69 -11.85
N LEU A 184 22.64 8.49 -12.04
CA LEU A 184 22.08 7.82 -13.22
C LEU A 184 21.25 8.82 -14.03
N ASP A 185 21.57 8.99 -15.31
CA ASP A 185 20.89 9.93 -16.19
C ASP A 185 20.87 9.40 -17.64
N ASP A 186 19.86 9.79 -18.41
CA ASP A 186 19.74 9.37 -19.80
C ASP A 186 20.39 10.37 -20.79
N ILE A 187 20.73 11.59 -20.30
CA ILE A 187 21.31 12.65 -21.12
C ILE A 187 22.77 12.82 -20.77
N GLY A 188 23.65 12.53 -21.75
CA GLY A 188 25.10 12.65 -21.63
C GLY A 188 25.57 13.96 -21.05
N ALA A 189 25.06 15.08 -21.61
CA ALA A 189 25.37 16.44 -21.19
C ALA A 189 25.12 16.67 -19.68
N ASN A 190 23.96 16.19 -19.13
CA ASN A 190 23.60 16.35 -17.72
C ASN A 190 24.41 15.38 -16.81
N LEU A 191 25.09 14.41 -17.42
CA LEU A 191 25.94 13.43 -16.73
C LEU A 191 27.35 13.99 -16.52
N LYS A 192 27.88 14.75 -17.53
CA LYS A 192 29.22 15.32 -17.44
C LYS A 192 29.55 16.17 -16.18
N PRO A 193 28.68 17.08 -15.65
CA PRO A 193 29.08 17.83 -14.44
C PRO A 193 29.20 16.97 -13.18
N ALA A 194 28.38 15.89 -13.06
CA ALA A 194 28.45 14.93 -11.95
C ALA A 194 29.82 14.21 -12.02
N ARG A 195 30.20 13.80 -13.25
CA ARG A 195 31.46 13.14 -13.56
C ARG A 195 32.65 14.01 -13.16
N ASP A 196 32.62 15.33 -13.50
CA ASP A 196 33.69 16.29 -13.18
C ASP A 196 33.96 16.41 -11.70
N LEU A 197 32.90 16.36 -10.87
CA LEU A 197 33.01 16.42 -9.41
C LEU A 197 33.64 15.15 -8.84
N GLY A 198 33.62 14.05 -9.60
CA GLY A 198 34.16 12.76 -9.16
C GLY A 198 33.11 11.71 -8.83
N MET A 199 31.87 11.94 -9.20
CA MET A 199 30.80 10.96 -8.93
C MET A 199 30.83 9.81 -9.95
N VAL A 200 30.39 8.62 -9.51
CA VAL A 200 30.19 7.47 -10.40
C VAL A 200 28.93 7.86 -11.21
N THR A 201 29.00 7.72 -12.53
CA THR A 201 27.92 8.09 -13.44
C THR A 201 27.52 6.90 -14.30
N ILE A 202 26.21 6.77 -14.57
CA ILE A 202 25.63 5.71 -15.38
C ILE A 202 24.76 6.33 -16.45
N LEU A 203 25.18 6.19 -17.71
CA LEU A 203 24.43 6.70 -18.86
C LEU A 203 23.42 5.62 -19.16
N VAL A 204 22.16 5.94 -18.90
CA VAL A 204 21.02 5.07 -19.05
C VAL A 204 20.45 5.15 -20.44
N GLN A 205 20.47 4.04 -21.16
CA GLN A 205 19.81 3.90 -22.45
C GLN A 205 18.73 2.86 -22.13
N ASP A 206 19.11 1.60 -22.14
CA ASP A 206 18.24 0.50 -21.78
C ASP A 206 18.50 0.20 -20.31
N THR A 207 17.43 -0.12 -19.59
CA THR A 207 17.41 -0.37 -18.15
C THR A 207 18.30 -1.53 -17.69
N ASP A 208 18.30 -2.64 -18.44
CA ASP A 208 19.12 -3.82 -18.12
C ASP A 208 20.62 -3.51 -18.02
N THR A 209 21.20 -2.84 -19.05
CA THR A 209 22.64 -2.51 -19.04
C THR A 209 22.96 -1.53 -17.93
N ALA A 210 22.08 -0.55 -17.75
CA ALA A 210 22.17 0.46 -16.68
C ALA A 210 22.20 -0.23 -15.30
N LEU A 211 21.35 -1.24 -15.06
CA LEU A 211 21.30 -1.98 -13.81
C LEU A 211 22.51 -2.89 -13.65
N LYS A 212 23.06 -3.44 -14.78
CA LYS A 212 24.28 -4.26 -14.76
C LYS A 212 25.44 -3.41 -14.26
N GLU A 213 25.57 -2.16 -14.76
CA GLU A 213 26.62 -1.21 -14.34
C GLU A 213 26.45 -0.86 -12.87
N LEU A 214 25.20 -0.65 -12.44
CA LEU A 214 24.83 -0.26 -11.06
C LEU A 214 25.08 -1.38 -10.04
N GLU A 215 24.88 -2.62 -10.43
CA GLU A 215 25.07 -3.81 -9.62
C GLU A 215 26.56 -4.04 -9.47
N LYS A 216 27.29 -3.91 -10.57
CA LYS A 216 28.75 -4.07 -10.60
C LYS A 216 29.44 -3.07 -9.67
N VAL A 217 29.07 -1.76 -9.77
CA VAL A 217 29.69 -0.70 -8.96
C VAL A 217 29.24 -0.70 -7.47
N THR A 218 28.02 -1.16 -7.17
CA THR A 218 27.54 -1.17 -5.78
C THR A 218 27.86 -2.48 -5.07
N GLY A 219 27.94 -3.57 -5.85
CA GLY A 219 28.19 -4.91 -5.33
C GLY A 219 26.93 -5.56 -4.78
N ILE A 220 25.77 -4.93 -4.98
CA ILE A 220 24.47 -5.40 -4.55
C ILE A 220 23.72 -5.99 -5.77
N GLN A 221 23.13 -7.20 -5.60
CA GLN A 221 22.33 -7.87 -6.63
C GLN A 221 21.08 -6.99 -6.83
N LEU A 222 20.98 -6.41 -8.05
CA LEU A 222 19.88 -5.53 -8.45
C LEU A 222 19.03 -6.22 -9.51
N LEU A 223 19.67 -7.04 -10.37
CA LEU A 223 18.96 -7.80 -11.42
C LEU A 223 18.75 -9.23 -10.99
N ASN A 224 17.66 -9.86 -11.48
CA ASN A 224 17.32 -11.27 -11.25
C ASN A 224 17.12 -11.61 -9.77
N THR A 225 16.67 -10.65 -8.98
CA THR A 225 16.43 -10.84 -7.55
C THR A 225 15.10 -11.55 -7.35
N PRO A 226 14.83 -12.18 -6.18
CA PRO A 226 13.50 -12.76 -5.98
C PRO A 226 12.42 -11.67 -5.90
N ALA A 227 11.14 -12.09 -5.97
CA ALA A 227 9.99 -11.20 -5.91
C ALA A 227 10.03 -10.39 -4.60
N PRO A 228 9.95 -9.05 -4.66
CA PRO A 228 9.96 -8.29 -3.40
C PRO A 228 8.56 -8.27 -2.77
N LEU A 229 8.51 -7.94 -1.48
CA LEU A 229 7.21 -7.85 -0.80
C LEU A 229 6.55 -6.51 -1.22
N PRO A 230 5.22 -6.36 -1.14
CA PRO A 230 4.61 -5.05 -1.46
C PRO A 230 5.09 -4.00 -0.46
N THR A 231 4.93 -2.68 -0.77
CA THR A 231 5.28 -1.58 0.13
C THR A 231 4.57 -1.78 1.46
N SER A 232 5.28 -1.57 2.58
CA SER A 232 4.65 -1.68 3.91
C SER A 232 4.29 -0.26 4.47
N CYS A 233 3.93 -0.16 5.76
CA CYS A 233 3.57 1.12 6.40
C CYS A 233 4.52 1.40 7.52
N ASN A 234 4.97 2.64 7.61
CA ASN A 234 5.77 3.09 8.74
C ASN A 234 4.73 3.82 9.62
N PRO A 235 4.33 3.23 10.78
CA PRO A 235 3.26 3.84 11.60
C PRO A 235 3.27 5.35 11.84
N SER A 236 4.48 5.94 11.93
CA SER A 236 4.69 7.37 12.19
C SER A 236 4.51 8.22 10.93
N ASP A 237 4.43 7.59 9.76
CA ASP A 237 4.23 8.31 8.49
C ASP A 237 2.74 8.33 8.08
N MET A 238 1.86 7.66 8.84
CA MET A 238 0.42 7.54 8.53
C MET A 238 -0.42 8.66 9.13
N SER A 239 -1.61 8.85 8.54
CA SER A 239 -2.61 9.77 9.05
C SER A 239 -3.42 8.93 10.02
N HIS A 240 -3.48 9.36 11.29
CA HIS A 240 -4.20 8.67 12.34
C HIS A 240 -5.48 9.41 12.63
N GLY A 241 -6.60 8.70 12.50
CA GLY A 241 -7.94 9.22 12.72
C GLY A 241 -8.59 8.65 13.96
N TYR A 242 -9.43 9.48 14.62
CA TYR A 242 -10.13 9.15 15.87
C TYR A 242 -11.56 9.64 15.82
N VAL A 243 -12.51 8.74 16.10
CA VAL A 243 -13.94 9.06 16.12
C VAL A 243 -14.56 8.57 17.44
N THR A 244 -15.25 9.46 18.17
CA THR A 244 -16.00 9.03 19.36
C THR A 244 -17.34 8.46 18.89
N VAL A 245 -17.58 7.15 19.08
CA VAL A 245 -18.81 6.48 18.62
C VAL A 245 -19.95 6.48 19.63
N LYS A 246 -19.59 6.67 20.91
CA LYS A 246 -20.47 6.78 22.07
C LYS A 246 -19.59 7.26 23.25
N PRO A 247 -20.16 7.89 24.32
CA PRO A 247 -19.30 8.36 25.43
C PRO A 247 -18.47 7.20 25.94
N ARG A 248 -17.15 7.42 26.11
CA ARG A 248 -16.21 6.38 26.57
C ARG A 248 -15.70 5.39 25.46
N VAL A 249 -16.34 5.34 24.28
CA VAL A 249 -15.87 4.49 23.18
C VAL A 249 -15.46 5.31 21.97
N ARG A 250 -14.15 5.36 21.72
CA ARG A 250 -13.52 6.03 20.59
C ARG A 250 -12.77 4.99 19.70
N LEU A 251 -13.01 5.05 18.38
CA LEU A 251 -12.40 4.17 17.39
C LEU A 251 -11.23 4.85 16.64
N HIS A 252 -10.05 4.20 16.64
CA HIS A 252 -8.84 4.64 15.95
C HIS A 252 -8.74 3.94 14.59
N PHE A 253 -8.25 4.66 13.58
CA PHE A 253 -8.04 4.16 12.22
C PHE A 253 -6.89 4.88 11.57
N VAL A 254 -6.29 4.25 10.57
CA VAL A 254 -5.20 4.78 9.74
C VAL A 254 -5.88 5.02 8.41
N GLU A 255 -5.62 6.17 7.78
CA GLU A 255 -6.27 6.51 6.51
C GLU A 255 -5.31 6.88 5.40
N LEU A 256 -5.52 6.31 4.24
CA LEU A 256 -4.67 6.54 3.07
C LEU A 256 -5.47 6.39 1.77
N GLY A 257 -5.25 7.32 0.85
CA GLY A 257 -5.84 7.30 -0.48
C GLY A 257 -7.10 8.11 -0.65
N SER A 258 -7.56 8.18 -1.90
CA SER A 258 -8.79 8.85 -2.34
C SER A 258 -9.61 7.87 -3.21
N GLY A 259 -10.91 8.07 -3.25
CA GLY A 259 -11.82 7.22 -4.02
C GLY A 259 -12.85 6.56 -3.11
N PRO A 260 -13.54 5.49 -3.59
CA PRO A 260 -14.50 4.76 -2.72
C PRO A 260 -13.85 4.34 -1.40
N ALA A 261 -14.61 4.45 -0.28
CA ALA A 261 -14.15 4.10 1.07
C ALA A 261 -14.07 2.60 1.26
N VAL A 262 -12.92 2.13 1.80
CA VAL A 262 -12.64 0.70 2.04
C VAL A 262 -12.26 0.51 3.50
N CYS A 263 -13.16 -0.12 4.25
CA CYS A 263 -12.97 -0.35 5.66
C CYS A 263 -12.32 -1.72 5.97
N LEU A 264 -11.11 -1.69 6.53
CA LEU A 264 -10.33 -2.91 6.83
C LEU A 264 -10.47 -3.28 8.28
N CYS A 265 -10.97 -4.50 8.53
CA CYS A 265 -11.29 -4.98 9.89
C CYS A 265 -10.43 -6.19 10.25
N HIS A 266 -9.47 -5.98 11.14
CA HIS A 266 -8.53 -7.02 11.56
C HIS A 266 -9.15 -8.10 12.45
N GLY A 267 -8.37 -9.16 12.69
CA GLY A 267 -8.79 -10.27 13.53
C GLY A 267 -8.16 -10.28 14.91
N PHE A 268 -8.27 -11.45 15.57
CA PHE A 268 -7.72 -11.66 16.90
C PHE A 268 -6.35 -12.36 16.81
N PRO A 269 -5.32 -11.91 17.56
CA PRO A 269 -5.21 -10.70 18.40
C PRO A 269 -4.38 -9.69 17.59
N GLU A 270 -5.03 -8.93 16.73
CA GLU A 270 -4.29 -8.11 15.79
C GLU A 270 -4.30 -6.58 15.97
N SER A 271 -4.25 -5.85 14.84
CA SER A 271 -4.05 -4.42 14.77
C SER A 271 -4.38 -3.95 13.37
N TRP A 272 -4.51 -2.60 13.20
CA TRP A 272 -4.65 -1.96 11.89
C TRP A 272 -3.44 -2.39 11.08
N TYR A 273 -2.28 -2.55 11.77
CA TYR A 273 -0.95 -2.87 11.25
C TYR A 273 -0.88 -4.21 10.54
N SER A 274 -1.83 -5.10 10.80
CA SER A 274 -1.90 -6.39 10.11
C SER A 274 -2.23 -6.20 8.62
N TRP A 275 -2.75 -4.99 8.23
CA TRP A 275 -3.09 -4.62 6.85
C TRP A 275 -1.99 -3.77 6.20
N ARG A 276 -0.81 -3.72 6.85
CA ARG A 276 0.35 -2.94 6.41
C ARG A 276 0.75 -3.12 4.97
N TYR A 277 0.66 -4.36 4.46
CA TYR A 277 0.98 -4.66 3.07
C TYR A 277 -0.18 -4.36 2.10
N GLN A 278 -1.42 -4.15 2.61
CA GLN A 278 -2.61 -3.86 1.79
C GLN A 278 -2.85 -2.37 1.64
N ILE A 279 -2.72 -1.60 2.76
CA ILE A 279 -2.98 -0.14 2.81
C ILE A 279 -2.33 0.61 1.63
N PRO A 280 -0.99 0.55 1.39
CA PRO A 280 -0.44 1.26 0.24
C PRO A 280 -0.94 0.76 -1.12
N ALA A 281 -1.08 -0.58 -1.29
CA ALA A 281 -1.54 -1.20 -2.55
C ALA A 281 -2.96 -0.78 -2.92
N LEU A 282 -3.95 -0.92 -2.00
CA LEU A 282 -5.33 -0.50 -2.28
C LEU A 282 -5.49 1.04 -2.51
N ALA A 283 -4.62 1.85 -1.86
CA ALA A 283 -4.63 3.31 -2.01
C ALA A 283 -4.17 3.63 -3.41
N GLN A 284 -3.03 3.05 -3.81
CA GLN A 284 -2.49 3.19 -5.15
C GLN A 284 -3.48 2.70 -6.22
N ALA A 285 -4.32 1.71 -5.89
CA ALA A 285 -5.36 1.17 -6.77
C ALA A 285 -6.58 2.10 -6.92
N GLY A 286 -6.59 3.23 -6.21
CA GLY A 286 -7.64 4.24 -6.31
C GLY A 286 -8.78 4.14 -5.30
N TYR A 287 -8.48 3.74 -4.04
CA TYR A 287 -9.42 3.61 -2.93
C TYR A 287 -8.99 4.42 -1.72
N ARG A 288 -9.95 4.87 -0.91
CA ARG A 288 -9.73 5.59 0.34
C ARG A 288 -9.78 4.52 1.44
N VAL A 289 -8.60 4.06 1.84
CA VAL A 289 -8.46 3.01 2.83
C VAL A 289 -8.60 3.55 4.24
N LEU A 290 -9.42 2.89 5.05
CA LEU A 290 -9.57 3.16 6.49
C LEU A 290 -9.27 1.84 7.25
N ALA A 291 -8.02 1.69 7.74
CA ALA A 291 -7.63 0.46 8.45
C ALA A 291 -7.85 0.65 9.94
N MET A 292 -8.85 -0.02 10.44
CA MET A 292 -9.31 0.06 11.82
C MET A 292 -8.43 -0.58 12.83
N ASP A 293 -8.50 -0.03 14.06
CA ASP A 293 -8.07 -0.65 15.28
C ASP A 293 -9.49 -0.98 15.83
N MET A 294 -9.84 -2.28 15.84
CA MET A 294 -11.17 -2.72 16.30
C MET A 294 -11.27 -2.49 17.79
N LYS A 295 -12.50 -2.38 18.31
CA LYS A 295 -12.77 -2.17 19.73
C LYS A 295 -12.00 -3.23 20.59
N GLY A 296 -11.28 -2.73 21.59
CA GLY A 296 -10.47 -3.52 22.51
C GLY A 296 -9.00 -3.52 22.16
N TYR A 297 -8.65 -2.99 20.98
CA TYR A 297 -7.31 -2.98 20.40
C TYR A 297 -6.69 -1.61 20.19
N GLY A 298 -5.38 -1.60 20.35
CA GLY A 298 -4.50 -0.47 20.11
C GLY A 298 -4.97 0.83 20.70
N GLU A 299 -5.12 1.84 19.85
CA GLU A 299 -5.55 3.17 20.24
C GLU A 299 -7.06 3.35 20.29
N SER A 300 -7.83 2.27 20.07
CA SER A 300 -9.29 2.32 20.20
C SER A 300 -9.56 2.03 21.65
N SER A 301 -10.76 2.41 22.13
CA SER A 301 -11.18 2.20 23.50
C SER A 301 -11.33 0.70 23.74
N ALA A 302 -11.12 0.28 24.98
CA ALA A 302 -11.25 -1.11 25.40
C ALA A 302 -12.09 -1.20 26.67
N PRO A 303 -13.40 -0.90 26.65
CA PRO A 303 -14.20 -1.06 27.90
C PRO A 303 -14.10 -2.48 28.46
N PRO A 304 -14.12 -2.67 29.80
CA PRO A 304 -13.96 -4.03 30.35
C PRO A 304 -15.11 -5.02 30.20
N GLU A 305 -16.37 -4.53 30.10
CA GLU A 305 -17.58 -5.36 30.07
C GLU A 305 -17.68 -6.23 28.83
N ILE A 306 -18.01 -7.50 29.05
CA ILE A 306 -18.16 -8.54 28.03
C ILE A 306 -19.14 -8.17 26.92
N GLU A 307 -20.34 -7.69 27.30
CA GLU A 307 -21.43 -7.34 26.38
C GLU A 307 -21.14 -6.20 25.40
N GLU A 308 -20.08 -5.46 25.64
CA GLU A 308 -19.59 -4.37 24.79
C GLU A 308 -18.89 -4.93 23.52
N TYR A 309 -18.64 -6.26 23.50
CA TYR A 309 -17.99 -6.94 22.39
C TYR A 309 -18.89 -7.94 21.66
N CYS A 310 -20.23 -7.86 21.89
CA CYS A 310 -21.15 -8.71 21.15
C CYS A 310 -21.28 -8.10 19.75
N MET A 311 -21.58 -8.91 18.76
CA MET A 311 -21.68 -8.49 17.37
C MET A 311 -22.65 -7.34 17.12
N GLU A 312 -23.81 -7.33 17.81
CA GLU A 312 -24.80 -6.26 17.67
C GLU A 312 -24.20 -4.88 17.98
N VAL A 313 -23.47 -4.76 19.10
CA VAL A 313 -22.83 -3.52 19.56
C VAL A 313 -21.69 -3.09 18.67
N LEU A 314 -20.81 -4.04 18.28
CA LEU A 314 -19.69 -3.75 17.39
C LEU A 314 -20.19 -3.25 16.02
N CYS A 315 -21.24 -3.89 15.49
CA CYS A 315 -21.83 -3.50 14.22
C CYS A 315 -22.47 -2.11 14.26
N LYS A 316 -23.29 -1.81 15.31
CA LYS A 316 -23.92 -0.51 15.54
C LYS A 316 -22.89 0.61 15.62
N GLU A 317 -21.77 0.33 16.28
CA GLU A 317 -20.64 1.23 16.42
C GLU A 317 -19.94 1.47 15.08
N MET A 318 -19.89 0.47 14.20
CA MET A 318 -19.28 0.62 12.87
C MET A 318 -20.14 1.54 12.00
N VAL A 319 -21.46 1.46 12.16
CA VAL A 319 -22.47 2.29 11.51
C VAL A 319 -22.30 3.74 11.96
N THR A 320 -22.21 3.97 13.27
CA THR A 320 -21.96 5.28 13.89
C THR A 320 -20.66 5.89 13.37
N PHE A 321 -19.63 5.05 13.19
CA PHE A 321 -18.31 5.40 12.65
C PHE A 321 -18.46 6.01 11.24
N LEU A 322 -19.29 5.39 10.39
CA LEU A 322 -19.60 5.87 9.03
C LEU A 322 -20.36 7.21 9.09
N ASP A 323 -21.40 7.28 9.93
CA ASP A 323 -22.23 8.46 10.13
C ASP A 323 -21.37 9.68 10.51
N LYS A 324 -20.49 9.52 11.54
CA LYS A 324 -19.60 10.58 12.02
C LYS A 324 -18.55 10.99 11.00
N LEU A 325 -18.16 10.08 10.10
CA LEU A 325 -17.21 10.44 9.06
C LEU A 325 -17.93 11.01 7.84
N GLY A 326 -19.27 10.93 7.86
CA GLY A 326 -20.16 11.43 6.81
C GLY A 326 -20.08 10.53 5.59
N LEU A 327 -20.07 9.20 5.81
CA LEU A 327 -19.99 8.18 4.76
C LEU A 327 -21.26 7.38 4.73
N SER A 328 -21.97 7.41 3.59
CA SER A 328 -23.22 6.67 3.44
C SER A 328 -22.91 5.17 3.32
N GLN A 329 -21.74 4.83 2.76
CA GLN A 329 -21.29 3.46 2.51
C GLN A 329 -19.75 3.31 2.61
N ALA A 330 -19.32 2.06 2.81
CA ALA A 330 -17.94 1.67 2.71
C ALA A 330 -17.96 0.22 2.22
N VAL A 331 -16.87 -0.18 1.57
CA VAL A 331 -16.64 -1.57 1.25
C VAL A 331 -16.10 -2.11 2.61
N PHE A 332 -16.65 -3.21 3.10
CA PHE A 332 -16.17 -3.80 4.35
C PHE A 332 -15.33 -5.03 4.06
N ILE A 333 -14.03 -4.99 4.37
CA ILE A 333 -13.08 -6.12 4.20
C ILE A 333 -12.60 -6.58 5.57
N GLY A 334 -12.91 -7.81 5.94
CA GLY A 334 -12.50 -8.35 7.22
C GLY A 334 -11.73 -9.65 7.16
N HIS A 335 -10.89 -9.90 8.18
CA HIS A 335 -10.10 -11.11 8.37
C HIS A 335 -10.41 -11.64 9.75
N ASP A 336 -10.53 -12.97 9.90
CA ASP A 336 -10.75 -13.62 11.19
C ASP A 336 -12.02 -13.07 11.88
N TRP A 337 -11.92 -12.50 13.11
CA TRP A 337 -13.10 -11.94 13.79
C TRP A 337 -13.69 -10.75 13.04
N GLY A 338 -12.85 -10.04 12.29
CA GLY A 338 -13.24 -8.92 11.44
C GLY A 338 -14.09 -9.39 10.26
N GLY A 339 -13.81 -10.60 9.79
CA GLY A 339 -14.56 -11.28 8.72
C GLY A 339 -15.96 -11.61 9.20
N MET A 340 -16.07 -12.04 10.48
CA MET A 340 -17.32 -12.35 11.15
C MET A 340 -18.18 -11.07 11.24
N LEU A 341 -17.59 -9.95 11.67
CA LEU A 341 -18.27 -8.66 11.80
C LEU A 341 -18.85 -8.20 10.47
N VAL A 342 -18.01 -8.33 9.45
CA VAL A 342 -18.22 -7.97 8.08
C VAL A 342 -19.43 -8.71 7.47
N TRP A 343 -19.58 -10.05 7.73
CA TRP A 343 -20.78 -10.74 7.24
C TRP A 343 -22.01 -10.20 7.92
N TYR A 344 -21.90 -9.85 9.23
CA TYR A 344 -23.04 -9.31 9.98
C TYR A 344 -23.42 -7.90 9.54
N MET A 345 -22.42 -7.06 9.18
CA MET A 345 -22.67 -5.70 8.64
C MET A 345 -23.51 -5.84 7.36
N ALA A 346 -23.13 -6.78 6.48
CA ALA A 346 -23.86 -7.04 5.23
C ALA A 346 -25.30 -7.58 5.46
N LEU A 347 -25.50 -8.35 6.53
CA LEU A 347 -26.75 -8.97 6.95
C LEU A 347 -27.71 -8.02 7.60
N PHE A 348 -27.18 -7.08 8.41
CA PHE A 348 -27.98 -6.15 9.19
C PHE A 348 -28.06 -4.77 8.67
N TYR A 349 -27.02 -4.32 7.93
CA TYR A 349 -26.93 -2.98 7.35
C TYR A 349 -26.52 -3.03 5.88
N PRO A 350 -27.20 -3.81 5.00
CA PRO A 350 -26.79 -3.83 3.58
C PRO A 350 -26.71 -2.47 2.92
N GLU A 351 -27.49 -1.47 3.40
CA GLU A 351 -27.51 -0.09 2.88
C GLU A 351 -26.18 0.64 3.08
N ARG A 352 -25.41 0.26 4.11
CA ARG A 352 -24.17 0.93 4.48
C ARG A 352 -22.94 0.20 3.98
N VAL A 353 -23.14 -0.97 3.35
CA VAL A 353 -22.09 -1.84 2.87
C VAL A 353 -22.14 -1.87 1.33
N ARG A 354 -21.15 -1.24 0.64
CA ARG A 354 -21.01 -1.19 -0.82
C ARG A 354 -20.80 -2.63 -1.32
N ALA A 355 -19.85 -3.31 -0.71
CA ALA A 355 -19.45 -4.68 -0.99
C ALA A 355 -18.77 -5.23 0.26
N VAL A 356 -18.82 -6.55 0.39
CA VAL A 356 -18.28 -7.22 1.57
C VAL A 356 -17.30 -8.30 1.17
N ALA A 357 -16.16 -8.35 1.84
CA ALA A 357 -15.17 -9.38 1.59
C ALA A 357 -14.64 -9.93 2.89
N SER A 358 -14.49 -11.27 2.96
CA SER A 358 -13.91 -11.98 4.11
C SER A 358 -12.70 -12.81 3.70
N LEU A 359 -11.65 -12.68 4.49
CA LEU A 359 -10.44 -13.47 4.39
C LEU A 359 -10.57 -14.52 5.46
N ASN A 360 -10.58 -15.80 5.03
CA ASN A 360 -10.62 -17.03 5.84
C ASN A 360 -11.94 -17.37 6.53
N THR A 361 -12.61 -16.39 7.14
CA THR A 361 -13.82 -16.55 7.93
C THR A 361 -15.04 -16.80 7.06
N PRO A 362 -15.64 -17.98 7.18
CA PRO A 362 -16.81 -18.26 6.35
C PRO A 362 -18.09 -17.70 6.98
N PHE A 363 -19.17 -17.69 6.19
CA PHE A 363 -20.48 -17.30 6.66
C PHE A 363 -21.26 -18.59 6.89
N ILE A 364 -21.61 -18.88 8.15
CA ILE A 364 -22.39 -20.06 8.52
C ILE A 364 -23.62 -19.60 9.32
N PRO A 365 -24.85 -19.81 8.80
CA PRO A 365 -26.04 -19.39 9.54
C PRO A 365 -26.16 -20.11 10.88
N ALA A 366 -26.62 -19.38 11.90
CA ALA A 366 -26.83 -19.92 13.24
C ALA A 366 -27.85 -21.07 13.19
N ASN A 367 -27.64 -22.10 14.01
CA ASN A 367 -28.56 -23.24 14.10
C ASN A 367 -29.62 -22.83 15.13
N PRO A 368 -30.89 -22.57 14.76
CA PRO A 368 -31.87 -22.13 15.78
C PRO A 368 -32.27 -23.19 16.81
N ASN A 369 -31.89 -24.44 16.54
CA ASN A 369 -32.19 -25.57 17.39
C ASN A 369 -31.13 -25.90 18.41
N MET A 370 -29.93 -25.34 18.25
CA MET A 370 -28.84 -25.65 19.16
C MET A 370 -27.96 -24.45 19.51
N SER A 371 -27.91 -24.15 20.82
CA SER A 371 -27.08 -23.11 21.44
C SER A 371 -25.61 -23.50 21.21
N PRO A 372 -24.77 -22.57 20.67
CA PRO A 372 -23.36 -22.91 20.39
C PRO A 372 -22.46 -23.14 21.61
N LEU A 373 -22.97 -22.82 22.83
CA LEU A 373 -22.27 -23.02 24.12
C LEU A 373 -22.12 -24.52 24.46
N GLU A 374 -23.06 -25.38 23.97
CA GLU A 374 -23.10 -26.84 24.15
C GLU A 374 -21.83 -27.56 23.71
N SER A 375 -21.16 -27.08 22.63
CA SER A 375 -19.89 -27.64 22.12
C SER A 375 -18.70 -26.98 22.81
N ASN A 379 -16.99 -30.81 23.84
CA ASN A 379 -16.30 -30.95 22.56
C ASN A 379 -14.87 -30.36 22.67
N PRO A 380 -13.81 -31.20 22.74
CA PRO A 380 -12.44 -30.66 22.90
C PRO A 380 -11.64 -30.43 21.61
N VAL A 381 -12.30 -30.49 20.42
CA VAL A 381 -11.58 -30.31 19.14
C VAL A 381 -11.09 -28.89 18.87
N PHE A 382 -11.88 -27.88 19.22
CA PHE A 382 -11.45 -26.49 19.09
C PHE A 382 -11.69 -25.84 20.45
N ASP A 383 -11.20 -26.52 21.52
CA ASP A 383 -11.36 -26.15 22.93
C ASP A 383 -10.68 -24.84 23.37
N TYR A 384 -9.91 -24.16 22.48
CA TYR A 384 -9.34 -22.85 22.81
C TYR A 384 -10.52 -21.88 23.12
N GLN A 385 -11.71 -22.12 22.50
CA GLN A 385 -12.96 -21.39 22.73
C GLN A 385 -13.37 -21.46 24.18
N LEU A 386 -13.41 -22.69 24.78
CA LEU A 386 -13.74 -22.93 26.21
C LEU A 386 -12.68 -22.25 27.09
N TYR A 387 -11.41 -22.43 26.72
CA TYR A 387 -10.27 -21.84 27.41
C TYR A 387 -10.39 -20.29 27.45
N PHE A 388 -10.89 -19.67 26.36
CA PHE A 388 -11.06 -18.22 26.23
C PHE A 388 -12.27 -17.69 26.96
N GLN A 389 -13.14 -18.58 27.46
CA GLN A 389 -14.37 -18.19 28.15
C GLN A 389 -14.19 -17.60 29.55
N GLU A 390 -13.46 -18.30 30.41
CA GLU A 390 -13.26 -17.92 31.81
C GLU A 390 -12.49 -16.60 31.91
N PRO A 391 -13.15 -15.52 32.37
CA PRO A 391 -12.47 -14.23 32.43
C PRO A 391 -11.22 -14.26 33.30
N GLY A 392 -10.12 -13.74 32.78
CA GLY A 392 -8.85 -13.61 33.50
C GLY A 392 -7.80 -14.64 33.21
N VAL A 393 -8.21 -15.87 32.89
CA VAL A 393 -7.31 -17.00 32.65
C VAL A 393 -6.37 -16.79 31.45
N ALA A 394 -6.95 -16.62 30.24
CA ALA A 394 -6.22 -16.42 28.98
C ALA A 394 -5.56 -15.05 28.95
N GLU A 395 -6.13 -14.06 29.69
CA GLU A 395 -5.50 -12.73 29.79
C GLU A 395 -4.12 -12.91 30.46
N ALA A 396 -4.07 -13.67 31.57
CA ALA A 396 -2.83 -13.89 32.31
C ALA A 396 -1.76 -14.58 31.47
N GLU A 397 -2.13 -15.66 30.73
CA GLU A 397 -1.17 -16.35 29.86
C GLU A 397 -0.60 -15.48 28.73
N LEU A 398 -1.50 -14.76 28.02
CA LEU A 398 -1.15 -13.92 26.86
C LEU A 398 -0.39 -12.63 27.17
N GLU A 399 -0.62 -12.06 28.37
CA GLU A 399 0.03 -10.82 28.82
C GLU A 399 1.36 -11.05 29.54
N GLN A 400 1.62 -12.28 30.03
CA GLN A 400 2.83 -12.62 30.78
C GLN A 400 4.10 -12.21 30.01
N ASN A 401 4.18 -12.61 28.75
CA ASN A 401 5.31 -12.26 27.89
C ASN A 401 4.77 -11.94 26.51
N LEU A 402 4.56 -10.63 26.24
CA LEU A 402 3.99 -10.13 24.96
C LEU A 402 4.74 -10.53 23.70
N SER A 403 6.07 -10.45 23.78
CA SER A 403 6.99 -10.80 22.72
C SER A 403 6.82 -12.30 22.39
N ARG A 404 6.69 -13.14 23.42
CA ARG A 404 6.54 -14.59 23.25
C ARG A 404 5.16 -14.87 22.62
N THR A 405 4.09 -14.22 23.13
CA THR A 405 2.72 -14.34 22.59
C THR A 405 2.69 -14.15 21.06
N PHE A 406 3.25 -13.04 20.54
CA PHE A 406 3.21 -12.77 19.11
C PHE A 406 4.15 -13.62 18.28
N LYS A 407 5.32 -13.99 18.83
CA LYS A 407 6.27 -14.86 18.12
C LYS A 407 5.71 -16.27 18.02
N SER A 408 4.93 -16.69 19.02
CA SER A 408 4.27 -18.01 19.06
C SER A 408 3.03 -18.06 18.16
N LEU A 409 2.27 -16.96 18.09
CA LEU A 409 1.04 -16.88 17.30
C LEU A 409 1.36 -16.59 15.82
N PHE A 410 2.13 -15.53 15.54
CA PHE A 410 2.40 -15.11 14.16
C PHE A 410 3.41 -16.01 13.47
N ARG A 411 2.95 -17.22 13.08
CA ARG A 411 3.80 -18.23 12.43
C ARG A 411 3.20 -18.76 11.14
N ALA A 412 4.04 -18.91 10.09
CA ALA A 412 3.65 -19.45 8.77
C ALA A 412 3.30 -20.94 8.83
N SER A 413 2.59 -21.44 7.80
CA SER A 413 2.09 -22.82 7.64
C SER A 413 3.09 -23.93 8.11
N ASP A 414 4.37 -23.81 7.70
CA ASP A 414 5.45 -24.74 8.01
C ASP A 414 6.31 -24.35 9.23
N GLU A 415 5.89 -23.33 9.99
CA GLU A 415 6.70 -22.84 11.11
C GLU A 415 6.31 -23.33 12.50
N SER A 416 5.84 -24.58 12.59
CA SER A 416 5.46 -25.26 13.83
C SER A 416 4.41 -24.47 14.64
N VAL A 417 3.27 -24.24 13.98
CA VAL A 417 2.12 -23.52 14.54
C VAL A 417 1.58 -24.20 15.81
N LEU A 418 1.02 -23.37 16.70
CA LEU A 418 0.43 -23.73 17.98
C LEU A 418 -0.75 -24.69 17.83
N SER A 419 -0.89 -25.65 18.76
CA SER A 419 -2.02 -26.58 18.78
C SER A 419 -3.28 -25.87 19.32
N MET A 420 -4.42 -26.09 18.66
CA MET A 420 -5.72 -25.49 19.04
C MET A 420 -6.65 -26.51 19.71
N HIS A 421 -6.13 -27.73 19.94
CA HIS A 421 -6.85 -28.86 20.54
C HIS A 421 -6.24 -29.24 21.89
N LYS A 422 -7.09 -29.74 22.81
CA LYS A 422 -6.73 -30.18 24.17
C LYS A 422 -6.00 -29.08 25.00
N VAL A 423 -6.33 -27.79 24.75
CA VAL A 423 -5.71 -26.64 25.43
C VAL A 423 -6.14 -26.50 26.90
N CYS A 424 -7.39 -26.89 27.23
CA CYS A 424 -7.93 -26.89 28.59
C CYS A 424 -7.22 -27.99 29.41
N GLU A 425 -7.06 -29.21 28.80
CA GLU A 425 -6.36 -30.37 29.39
C GLU A 425 -4.90 -29.98 29.67
N ALA A 426 -4.25 -29.27 28.72
CA ALA A 426 -2.87 -28.78 28.85
C ALA A 426 -2.79 -27.59 29.79
N GLY A 427 -3.92 -26.90 29.97
CA GLY A 427 -4.03 -25.74 30.85
C GLY A 427 -3.42 -24.46 30.31
N GLY A 428 -3.45 -24.31 28.98
CA GLY A 428 -2.93 -23.13 28.29
C GLY A 428 -2.56 -23.36 26.84
N LEU A 429 -2.43 -22.27 26.08
CA LEU A 429 -2.08 -22.28 24.66
C LEU A 429 -0.60 -22.51 24.45
N PHE A 430 0.22 -22.00 25.37
CA PHE A 430 1.67 -22.01 25.20
C PHE A 430 2.41 -23.03 26.05
N VAL A 431 1.66 -23.96 26.67
CA VAL A 431 2.16 -25.01 27.56
C VAL A 431 3.21 -25.95 26.91
N ASN A 432 3.15 -26.14 25.58
CA ASN A 432 4.10 -26.98 24.83
C ASN A 432 4.94 -26.14 23.87
N SER A 433 4.97 -24.81 24.10
CA SER A 433 5.71 -23.84 23.30
C SER A 433 6.98 -23.37 24.02
N PRO A 434 8.07 -23.06 23.28
CA PRO A 434 9.28 -22.57 23.94
C PRO A 434 9.12 -21.17 24.56
N GLU A 435 9.94 -20.88 25.58
CA GLU A 435 9.96 -19.61 26.31
C GLU A 435 10.42 -18.48 25.40
N GLU A 436 11.40 -18.78 24.52
CA GLU A 436 11.97 -17.85 23.56
C GLU A 436 11.70 -18.40 22.15
N PRO A 437 10.51 -18.14 21.55
CA PRO A 437 10.26 -18.69 20.20
C PRO A 437 11.17 -18.03 19.16
N SER A 438 11.41 -18.73 18.04
CA SER A 438 12.20 -18.19 16.95
C SER A 438 11.35 -17.14 16.21
N LEU A 439 12.01 -16.23 15.49
CA LEU A 439 11.36 -15.19 14.72
C LEU A 439 10.93 -15.78 13.37
N SER A 440 9.62 -15.72 13.08
CA SER A 440 8.98 -16.20 11.86
C SER A 440 9.51 -15.44 10.64
N ARG A 441 9.49 -16.09 9.46
CA ARG A 441 9.91 -15.51 8.19
C ARG A 441 8.94 -14.41 7.72
N MET A 442 7.73 -14.38 8.31
CA MET A 442 6.66 -13.41 7.97
C MET A 442 6.92 -12.05 8.61
N VAL A 443 7.53 -12.04 9.81
CA VAL A 443 7.72 -10.83 10.63
C VAL A 443 9.15 -10.52 11.00
N THR A 444 9.46 -9.23 11.22
CA THR A 444 10.77 -8.82 11.72
C THR A 444 10.62 -8.61 13.22
N GLU A 445 11.73 -8.42 13.94
CA GLU A 445 11.69 -8.16 15.39
C GLU A 445 10.97 -6.82 15.65
N GLU A 446 11.17 -5.85 14.74
CA GLU A 446 10.58 -4.51 14.75
C GLU A 446 9.05 -4.57 14.64
N GLU A 447 8.53 -5.33 13.65
CA GLU A 447 7.07 -5.54 13.49
C GLU A 447 6.49 -6.25 14.72
N ILE A 448 7.20 -7.27 15.28
CA ILE A 448 6.75 -7.97 16.53
C ILE A 448 6.66 -6.95 17.67
N GLN A 449 7.67 -6.07 17.79
CA GLN A 449 7.73 -5.02 18.81
C GLN A 449 6.66 -3.96 18.68
N PHE A 450 6.15 -3.74 17.45
CA PHE A 450 5.03 -2.81 17.26
C PHE A 450 3.76 -3.40 17.94
N TYR A 451 3.50 -4.70 17.74
CA TYR A 451 2.36 -5.39 18.34
C TYR A 451 2.48 -5.37 19.84
N VAL A 452 3.68 -5.70 20.38
CA VAL A 452 4.01 -5.67 21.82
C VAL A 452 3.57 -4.31 22.42
N GLN A 453 3.98 -3.18 21.80
CA GLN A 453 3.64 -1.83 22.28
C GLN A 453 2.14 -1.53 22.20
N GLN A 454 1.49 -2.01 21.15
CA GLN A 454 0.05 -1.84 21.04
C GLN A 454 -0.70 -2.56 22.16
N PHE A 455 -0.23 -3.75 22.55
CA PHE A 455 -0.90 -4.55 23.58
C PHE A 455 -0.64 -4.15 25.04
N LYS A 456 0.36 -3.28 25.27
CA LYS A 456 0.69 -2.75 26.61
C LYS A 456 -0.40 -1.81 27.12
N LYS A 457 -1.22 -1.22 26.24
CA LYS A 457 -2.23 -0.28 26.68
C LYS A 457 -3.43 -0.94 27.31
N SER A 458 -4.09 -1.84 26.57
CA SER A 458 -5.29 -2.46 27.06
C SER A 458 -5.15 -3.93 27.41
N GLY A 459 -4.13 -4.60 26.89
CA GLY A 459 -3.95 -6.02 27.11
C GLY A 459 -4.91 -6.83 26.27
N PHE A 460 -5.30 -8.00 26.79
CA PHE A 460 -6.15 -8.96 26.10
C PHE A 460 -7.58 -9.08 26.60
N ARG A 461 -8.05 -8.30 27.59
CA ARG A 461 -9.45 -8.46 28.03
C ARG A 461 -10.46 -8.16 26.88
N GLY A 462 -10.38 -6.96 26.29
CA GLY A 462 -11.22 -6.54 25.18
C GLY A 462 -11.17 -7.54 24.04
N PRO A 463 -9.96 -7.82 23.50
CA PRO A 463 -9.82 -8.85 22.44
C PRO A 463 -10.47 -10.21 22.78
N LEU A 464 -10.26 -10.72 23.99
CA LEU A 464 -10.83 -12.00 24.41
C LEU A 464 -12.32 -11.94 24.59
N ASN A 465 -12.85 -10.77 25.01
CA ASN A 465 -14.30 -10.55 25.17
C ASN A 465 -15.12 -10.76 23.88
N TRP A 466 -14.43 -10.82 22.70
CA TRP A 466 -15.03 -11.07 21.38
C TRP A 466 -15.53 -12.54 21.31
N TYR A 467 -14.86 -13.44 22.06
CA TYR A 467 -15.18 -14.87 22.21
C TYR A 467 -16.24 -15.16 23.30
N ARG A 468 -16.63 -14.13 24.06
CA ARG A 468 -17.45 -14.24 25.27
C ARG A 468 -18.89 -13.81 25.13
N ASN A 469 -19.37 -13.76 23.90
CA ASN A 469 -20.73 -13.37 23.57
C ASN A 469 -21.38 -14.38 22.62
N MET A 470 -20.93 -15.68 22.70
CA MET A 470 -21.40 -16.79 21.86
C MET A 470 -22.91 -16.90 21.74
N GLU A 471 -23.60 -16.95 22.90
CA GLU A 471 -25.05 -17.05 23.02
C GLU A 471 -25.79 -15.78 22.55
N ARG A 472 -25.25 -14.59 22.90
CA ARG A 472 -25.79 -13.27 22.54
C ARG A 472 -25.78 -13.07 21.02
N ASN A 473 -24.67 -13.47 20.36
CA ASN A 473 -24.45 -13.38 18.91
C ASN A 473 -25.35 -14.34 18.18
N TRP A 474 -25.53 -15.56 18.72
CA TRP A 474 -26.40 -16.60 18.18
C TRP A 474 -27.85 -16.09 18.15
N LYS A 475 -28.35 -15.53 19.28
CA LYS A 475 -29.69 -14.97 19.41
C LYS A 475 -29.98 -13.90 18.36
N TRP A 476 -29.01 -13.00 18.12
CA TRP A 476 -29.10 -11.92 17.14
C TRP A 476 -28.98 -12.50 15.73
N ALA A 477 -28.02 -13.42 15.50
CA ALA A 477 -27.83 -14.09 14.19
C ALA A 477 -29.13 -14.80 13.74
N CYS A 478 -29.88 -15.37 14.72
CA CYS A 478 -31.14 -16.07 14.50
C CYS A 478 -32.23 -15.20 13.87
N LYS A 479 -32.15 -13.86 14.08
CA LYS A 479 -33.10 -12.90 13.50
C LYS A 479 -32.90 -12.75 11.96
N SER A 480 -31.70 -13.10 11.46
CA SER A 480 -31.31 -13.00 10.05
C SER A 480 -31.43 -14.32 9.25
N LEU A 481 -31.98 -15.38 9.89
CA LEU A 481 -32.14 -16.72 9.30
C LEU A 481 -32.93 -16.78 7.97
N GLY A 482 -33.87 -15.84 7.77
CA GLY A 482 -34.68 -15.75 6.56
C GLY A 482 -34.12 -14.87 5.45
N ARG A 483 -32.98 -14.22 5.74
CA ARG A 483 -32.33 -13.33 4.78
C ARG A 483 -31.25 -14.04 4.01
N LYS A 484 -30.92 -13.47 2.84
CA LYS A 484 -29.82 -13.89 2.01
C LYS A 484 -28.91 -12.67 1.84
N ILE A 485 -27.66 -12.87 1.41
CA ILE A 485 -26.74 -11.74 1.16
C ILE A 485 -26.74 -11.58 -0.34
N LEU A 486 -27.29 -10.46 -0.81
CA LEU A 486 -27.47 -10.20 -2.24
C LEU A 486 -26.63 -9.03 -2.79
N ILE A 487 -25.87 -8.40 -1.89
CA ILE A 487 -24.92 -7.33 -2.26
C ILE A 487 -23.59 -8.01 -2.76
N PRO A 488 -22.66 -7.29 -3.45
CA PRO A 488 -21.42 -7.95 -3.91
C PRO A 488 -20.60 -8.53 -2.74
N ALA A 489 -20.23 -9.81 -2.83
CA ALA A 489 -19.48 -10.51 -1.80
C ALA A 489 -18.36 -11.41 -2.34
N LEU A 490 -17.23 -11.39 -1.62
CA LEU A 490 -16.04 -12.18 -1.89
C LEU A 490 -15.64 -13.00 -0.65
N MET A 491 -15.41 -14.31 -0.86
CA MET A 491 -14.94 -15.23 0.16
C MET A 491 -13.54 -15.74 -0.24
N VAL A 492 -12.52 -15.41 0.57
CA VAL A 492 -11.14 -15.82 0.28
C VAL A 492 -10.75 -16.93 1.25
N THR A 493 -10.44 -18.10 0.74
CA THR A 493 -10.04 -19.20 1.60
C THR A 493 -8.52 -19.31 1.60
N ALA A 494 -7.94 -19.85 2.67
CA ALA A 494 -6.49 -20.02 2.77
C ALA A 494 -6.25 -21.50 3.09
N GLU A 495 -5.67 -22.22 2.11
CA GLU A 495 -5.43 -23.66 2.12
C GLU A 495 -5.03 -24.24 3.46
N LYS A 496 -4.00 -23.65 4.08
CA LYS A 496 -3.40 -24.16 5.31
C LYS A 496 -3.83 -23.45 6.60
N ASP A 497 -5.07 -22.92 6.60
CA ASP A 497 -5.66 -22.34 7.81
C ASP A 497 -6.42 -23.52 8.46
N PHE A 498 -5.83 -24.09 9.53
CA PHE A 498 -6.33 -25.22 10.27
C PHE A 498 -7.35 -24.89 11.32
N VAL A 499 -7.66 -23.59 11.51
CA VAL A 499 -8.77 -23.17 12.37
C VAL A 499 -9.94 -22.71 11.47
N LEU A 500 -9.68 -21.76 10.54
CA LEU A 500 -10.68 -21.30 9.56
C LEU A 500 -10.41 -22.02 8.23
N VAL A 501 -10.75 -23.32 8.21
CA VAL A 501 -10.54 -24.28 7.11
C VAL A 501 -11.37 -23.94 5.85
N PRO A 502 -10.78 -24.01 4.62
CA PRO A 502 -11.56 -23.77 3.39
C PRO A 502 -12.87 -24.57 3.25
N GLN A 503 -12.87 -25.83 3.71
CA GLN A 503 -14.02 -26.75 3.70
C GLN A 503 -15.24 -26.18 4.48
N MET A 504 -15.00 -25.40 5.54
CA MET A 504 -16.04 -24.76 6.35
C MET A 504 -16.90 -23.77 5.54
N SER A 505 -16.36 -23.26 4.40
CA SER A 505 -17.01 -22.29 3.52
C SER A 505 -17.86 -22.91 2.39
N GLN A 506 -17.77 -24.25 2.18
CA GLN A 506 -18.40 -24.99 1.08
C GLN A 506 -19.88 -24.72 0.76
N HIS A 507 -20.71 -24.41 1.77
CA HIS A 507 -22.14 -24.20 1.59
C HIS A 507 -22.60 -22.76 1.43
N MET A 508 -21.66 -21.78 1.54
CA MET A 508 -21.94 -20.34 1.49
C MET A 508 -22.84 -19.87 0.34
N GLU A 509 -22.84 -20.60 -0.78
CA GLU A 509 -23.64 -20.29 -1.96
C GLU A 509 -25.14 -20.43 -1.77
N ASP A 510 -25.60 -21.24 -0.77
CA ASP A 510 -27.03 -21.37 -0.43
C ASP A 510 -27.58 -20.04 0.15
N TRP A 511 -26.69 -19.19 0.71
CA TRP A 511 -27.03 -17.93 1.39
C TRP A 511 -26.52 -16.68 0.70
N ILE A 512 -25.51 -16.85 -0.14
CA ILE A 512 -24.88 -15.76 -0.90
C ILE A 512 -24.81 -16.25 -2.35
N PRO A 513 -25.96 -16.30 -3.10
CA PRO A 513 -25.94 -16.91 -4.45
C PRO A 513 -24.95 -16.35 -5.46
N HIS A 514 -24.70 -15.04 -5.38
CA HIS A 514 -23.81 -14.32 -6.30
C HIS A 514 -22.36 -14.29 -5.83
N LEU A 515 -22.04 -14.99 -4.74
CA LEU A 515 -20.71 -15.08 -4.14
C LEU A 515 -19.61 -15.32 -5.16
N LYS A 516 -18.58 -14.49 -5.07
CA LYS A 516 -17.35 -14.58 -5.83
C LYS A 516 -16.33 -15.17 -4.85
N ARG A 517 -15.39 -16.01 -5.34
CA ARG A 517 -14.41 -16.63 -4.48
C ARG A 517 -12.99 -16.30 -4.87
N GLY A 518 -12.12 -16.46 -3.89
CA GLY A 518 -10.67 -16.34 -3.98
C GLY A 518 -10.07 -17.50 -3.21
N HIS A 519 -8.88 -17.92 -3.59
CA HIS A 519 -8.22 -19.02 -2.88
C HIS A 519 -6.72 -18.84 -2.87
N ILE A 520 -6.10 -19.04 -1.69
CA ILE A 520 -4.65 -18.90 -1.51
C ILE A 520 -4.04 -20.18 -1.02
N GLU A 521 -3.24 -20.79 -1.89
CA GLU A 521 -2.51 -22.03 -1.67
C GLU A 521 -1.29 -21.72 -0.82
N ASP A 522 -0.88 -22.70 0.00
CA ASP A 522 0.25 -22.63 0.93
C ASP A 522 0.18 -21.37 1.86
N CYS A 523 -1.05 -21.03 2.27
CA CYS A 523 -1.29 -19.89 3.13
C CYS A 523 -1.91 -20.33 4.45
N GLY A 524 -1.32 -19.87 5.54
CA GLY A 524 -1.79 -20.14 6.88
C GLY A 524 -2.87 -19.17 7.31
N HIS A 525 -3.07 -19.05 8.63
CA HIS A 525 -4.08 -18.17 9.22
C HIS A 525 -3.84 -16.67 9.07
N TRP A 526 -2.57 -16.25 9.12
CA TRP A 526 -2.18 -14.83 9.09
C TRP A 526 -1.98 -14.38 7.65
N THR A 527 -3.07 -14.53 6.88
CA THR A 527 -3.23 -14.30 5.45
C THR A 527 -2.56 -13.08 4.86
N GLN A 528 -2.76 -11.90 5.50
CA GLN A 528 -2.24 -10.61 5.02
C GLN A 528 -0.74 -10.56 4.95
N MET A 529 -0.04 -11.02 6.01
CA MET A 529 1.42 -11.08 6.12
C MET A 529 2.03 -12.35 5.51
N ASP A 530 1.25 -13.42 5.44
CA ASP A 530 1.70 -14.70 4.90
C ASP A 530 1.86 -14.58 3.39
N LYS A 531 0.78 -14.13 2.70
CA LYS A 531 0.75 -13.97 1.25
C LYS A 531 0.26 -12.56 0.85
N PRO A 532 0.99 -11.49 1.21
CA PRO A 532 0.52 -10.12 0.87
C PRO A 532 0.34 -9.81 -0.61
N THR A 533 1.24 -10.33 -1.46
CA THR A 533 1.21 -10.13 -2.90
C THR A 533 -0.08 -10.70 -3.51
N GLU A 534 -0.48 -11.91 -3.08
CA GLU A 534 -1.66 -12.63 -3.58
C GLU A 534 -2.93 -12.00 -3.04
N VAL A 535 -2.94 -11.62 -1.77
CA VAL A 535 -4.06 -10.95 -1.09
C VAL A 535 -4.36 -9.65 -1.83
N ASN A 536 -3.33 -8.85 -2.14
CA ASN A 536 -3.49 -7.57 -2.87
C ASN A 536 -4.00 -7.75 -4.28
N GLN A 537 -3.57 -8.82 -4.99
CA GLN A 537 -4.06 -9.10 -6.33
C GLN A 537 -5.56 -9.46 -6.33
N ILE A 538 -5.98 -10.34 -5.41
CA ILE A 538 -7.37 -10.82 -5.30
C ILE A 538 -8.31 -9.68 -4.94
N LEU A 539 -7.93 -8.88 -3.93
CA LEU A 539 -8.69 -7.74 -3.43
C LEU A 539 -8.90 -6.65 -4.50
N ILE A 540 -7.81 -6.22 -5.20
CA ILE A 540 -7.85 -5.17 -6.23
C ILE A 540 -8.70 -5.57 -7.44
N LYS A 541 -8.49 -6.77 -7.97
CA LYS A 541 -9.29 -7.32 -9.08
C LYS A 541 -10.80 -7.33 -8.70
N TRP A 542 -11.13 -7.81 -7.48
CA TRP A 542 -12.51 -7.85 -6.99
C TRP A 542 -13.09 -6.45 -6.74
N LEU A 543 -12.27 -5.51 -6.20
CA LEU A 543 -12.68 -4.13 -5.97
C LEU A 543 -13.01 -3.43 -7.28
N ASP A 544 -12.11 -3.51 -8.30
CA ASP A 544 -12.31 -2.86 -9.60
C ASP A 544 -13.50 -3.40 -10.41
N SER A 545 -13.89 -4.66 -10.17
CA SER A 545 -15.03 -5.28 -10.84
C SER A 545 -16.36 -5.10 -10.09
N ASP A 546 -16.36 -5.39 -8.76
CA ASP A 546 -17.54 -5.38 -7.89
C ASP A 546 -17.78 -4.17 -6.96
N ALA A 547 -16.83 -3.23 -6.87
CA ALA A 547 -16.94 -2.06 -5.99
C ALA A 547 -16.54 -0.69 -6.64
N ARG A 548 -16.28 -0.66 -7.98
CA ARG A 548 -15.97 0.55 -8.81
C ARG A 548 -14.59 1.17 -8.60
N ASN A 549 -14.40 1.85 -7.58
#